data_6PIB
#
_entry.id   6PIB
#
_cell.length_a   106.750
_cell.length_b   106.750
_cell.length_c   52.970
_cell.angle_alpha   90.00
_cell.angle_beta   90.00
_cell.angle_gamma   120.00
#
_symmetry.space_group_name_H-M   'P 32 2 1'
#
loop_
_entity.id
_entity.type
_entity.pdbx_description
1 polymer 'UDP-2,3-diacylglucosamine hydrolase'
2 non-polymer 'MANGANESE (II) ION'
3 non-polymer 1-[5-({4-[3-(trifluoromethyl)phenyl]piperazin-1-yl}sulfonyl)-2,3-dihydro-1H-indol-1-yl]ethan-1-one
4 non-polymer 'TETRAETHYLENE GLYCOL'
5 water water
#
_entity_poly.entity_id   1
_entity_poly.type   'polypeptide(L)'
_entity_poly.pdbx_seq_one_letter_code
;MVATLFIADLHLQTEEPAITAGFLRFLQGEARQADALYILGDLFEAWIGDDDPNPLHQQIASAIKAVVDAGVPCYFIHGN
RDFLVGQRFARQSGMILLAEEERLDLYGREVLIMHGDTLCTDDQGYLAFRAKVHTPWIQRLFLALPLFIRHRIAARMRAD
SKAANSSKSMEIMDVNPQAVVDAMERHHVQWLIHGHTHRPAVHELQANGQPAWRVVLGAWHSEGSMVKVTPDDVELIHFP
FLEENLYFQSHHHHHHHHHH
;
_entity_poly.pdbx_strand_id   A
#
# COMPACT_ATOMS: atom_id res chain seq x y z
N VAL A 2 16.61 1.32 -16.55
CA VAL A 2 15.17 1.47 -16.38
C VAL A 2 14.68 0.56 -15.26
N ALA A 3 13.58 0.96 -14.61
CA ALA A 3 13.08 0.21 -13.47
C ALA A 3 11.65 0.63 -13.18
N THR A 4 10.96 -0.23 -12.43
CA THR A 4 9.62 0.03 -11.93
C THR A 4 9.67 0.05 -10.40
N LEU A 5 9.02 1.05 -9.80
CA LEU A 5 9.10 1.27 -8.36
C LEU A 5 7.82 0.78 -7.67
N PHE A 6 7.99 0.30 -6.45
CA PHE A 6 6.89 -0.19 -5.62
C PHE A 6 7.05 0.37 -4.21
N ILE A 7 6.03 1.06 -3.72
CA ILE A 7 6.01 1.57 -2.36
C ILE A 7 4.65 1.22 -1.75
N ALA A 8 4.60 1.26 -0.42
CA ALA A 8 3.38 0.96 0.31
C ALA A 8 3.58 1.34 1.77
N ASP A 9 2.45 1.43 2.50
CA ASP A 9 2.45 1.61 3.95
C ASP A 9 3.18 2.88 4.36
N LEU A 10 2.83 3.98 3.70
CA LEU A 10 3.37 5.27 4.10
C LEU A 10 2.61 5.85 5.30
N HIS A 11 1.31 5.56 5.39
CA HIS A 11 0.48 6.02 6.50
C HIS A 11 0.57 7.53 6.67
N LEU A 12 0.46 8.24 5.56
CA LEU A 12 0.56 9.70 5.57
C LEU A 12 -0.56 10.29 6.43
N GLN A 13 -0.19 11.25 7.28
CA GLN A 13 -1.18 11.92 8.12
C GLN A 13 -0.63 13.27 8.52
N THR A 14 -1.55 14.15 8.94
CA THR A 14 -1.18 15.52 9.27
C THR A 14 -0.18 15.57 10.43
N GLU A 15 -0.34 14.69 11.42
N GLU A 15 -0.35 14.69 11.41
CA GLU A 15 0.51 14.70 12.59
CA GLU A 15 0.51 14.69 12.59
C GLU A 15 1.91 14.16 12.32
C GLU A 15 1.93 14.23 12.31
N GLU A 16 2.21 13.75 11.10
CA GLU A 16 3.54 13.25 10.73
C GLU A 16 4.02 13.98 9.48
N PRO A 17 4.39 15.26 9.62
CA PRO A 17 4.86 16.01 8.44
C PRO A 17 6.21 15.55 7.93
N ALA A 18 7.04 14.92 8.77
CA ALA A 18 8.34 14.43 8.32
C ALA A 18 8.17 13.33 7.29
N ILE A 19 7.18 12.45 7.48
CA ILE A 19 6.90 11.42 6.48
C ILE A 19 6.40 12.06 5.19
N THR A 20 5.55 13.09 5.32
CA THR A 20 5.04 13.78 4.14
C THR A 20 6.17 14.42 3.35
N ALA A 21 7.11 15.09 4.04
CA ALA A 21 8.21 15.73 3.35
C ALA A 21 9.12 14.71 2.68
N GLY A 22 9.32 13.55 3.31
CA GLY A 22 10.13 12.52 2.68
C GLY A 22 9.47 11.94 1.44
N PHE A 23 8.15 11.81 1.45
CA PHE A 23 7.44 11.33 0.27
C PHE A 23 7.42 12.38 -0.82
N LEU A 24 7.34 13.66 -0.46
CA LEU A 24 7.39 14.72 -1.46
C LEU A 24 8.73 14.78 -2.16
N ARG A 25 9.82 14.58 -1.40
CA ARG A 25 11.15 14.55 -2.00
C ARG A 25 11.31 13.32 -2.90
N PHE A 26 10.72 12.20 -2.51
CA PHE A 26 10.79 10.99 -3.34
C PHE A 26 10.07 11.20 -4.67
N LEU A 27 8.91 11.89 -4.64
CA LEU A 27 8.16 12.10 -5.87
C LEU A 27 8.85 13.07 -6.80
N GLN A 28 9.65 14.01 -6.26
CA GLN A 28 10.36 14.97 -7.08
C GLN A 28 11.66 14.44 -7.64
N GLY A 29 12.22 13.39 -7.04
CA GLY A 29 13.50 12.89 -7.48
C GLY A 29 13.48 11.47 -8.03
N GLU A 30 13.44 10.48 -7.13
CA GLU A 30 13.54 9.09 -7.56
C GLU A 30 12.38 8.68 -8.46
N ALA A 31 11.17 9.14 -8.14
CA ALA A 31 9.99 8.71 -8.89
C ALA A 31 10.01 9.19 -10.34
N ARG A 32 10.64 10.35 -10.59
CA ARG A 32 10.66 10.90 -11.95
C ARG A 32 11.47 10.06 -12.92
N GLN A 33 12.24 9.10 -12.45
CA GLN A 33 13.12 8.29 -13.29
C GLN A 33 12.57 6.91 -13.59
N ALA A 34 11.39 6.57 -13.07
CA ALA A 34 10.87 5.22 -13.19
C ALA A 34 9.94 5.08 -14.39
N ASP A 35 9.82 3.84 -14.88
CA ASP A 35 8.83 3.55 -15.91
C ASP A 35 7.41 3.62 -15.36
N ALA A 36 7.24 3.29 -14.08
CA ALA A 36 5.94 3.33 -13.43
C ALA A 36 6.14 3.30 -11.92
N LEU A 37 5.13 3.74 -11.19
CA LEU A 37 5.16 3.76 -9.73
C LEU A 37 3.89 3.11 -9.22
N TYR A 38 4.04 2.07 -8.41
CA TYR A 38 2.93 1.34 -7.82
C TYR A 38 2.90 1.60 -6.32
N ILE A 39 1.77 2.07 -5.83
CA ILE A 39 1.54 2.29 -4.40
C ILE A 39 0.59 1.19 -3.93
N LEU A 40 1.14 0.23 -3.19
CA LEU A 40 0.41 -0.98 -2.81
C LEU A 40 -0.32 -0.83 -1.48
N GLY A 41 -1.12 0.22 -1.34
CA GLY A 41 -2.00 0.34 -0.20
C GLY A 41 -1.38 1.11 0.96
N ASP A 42 -2.27 1.60 1.83
CA ASP A 42 -1.90 2.34 3.03
C ASP A 42 -1.04 3.56 2.70
N LEU A 43 -1.37 4.23 1.60
CA LEU A 43 -0.78 5.53 1.33
C LEU A 43 -1.15 6.53 2.42
N PHE A 44 -2.39 6.47 2.90
CA PHE A 44 -2.87 7.34 3.95
C PHE A 44 -3.21 6.53 5.20
N GLU A 45 -3.03 7.16 6.36
CA GLU A 45 -3.38 6.49 7.62
C GLU A 45 -4.89 6.28 7.73
N ALA A 46 -5.68 7.16 7.13
CA ALA A 46 -7.12 7.06 7.21
C ALA A 46 -7.74 7.69 5.95
N TRP A 47 -8.97 7.28 5.65
CA TRP A 47 -9.71 7.83 4.52
C TRP A 47 -11.19 7.59 4.75
N ILE A 48 -11.98 8.65 4.72
CA ILE A 48 -13.42 8.57 4.93
C ILE A 48 -14.22 9.05 3.72
N GLY A 49 -13.55 9.25 2.59
CA GLY A 49 -14.22 9.69 1.38
C GLY A 49 -13.42 10.74 0.64
N ASP A 50 -13.61 10.80 -0.68
CA ASP A 50 -12.89 11.75 -1.52
C ASP A 50 -13.37 13.18 -1.38
N ASP A 51 -14.54 13.40 -0.79
CA ASP A 51 -15.03 14.76 -0.55
C ASP A 51 -14.43 15.38 0.71
N ASP A 52 -13.57 14.66 1.41
CA ASP A 52 -12.87 15.21 2.56
C ASP A 52 -11.98 16.37 2.13
N PRO A 53 -12.19 17.58 2.65
CA PRO A 53 -11.35 18.72 2.22
C PRO A 53 -10.02 18.77 2.95
N ASN A 54 -9.56 17.64 3.47
CA ASN A 54 -8.27 17.55 4.13
C ASN A 54 -7.18 18.11 3.21
N PRO A 55 -6.51 19.20 3.60
CA PRO A 55 -5.52 19.80 2.69
C PRO A 55 -4.37 18.86 2.34
N LEU A 56 -4.01 17.94 3.24
CA LEU A 56 -2.97 16.98 2.93
C LEU A 56 -3.34 16.12 1.74
N HIS A 57 -4.64 15.84 1.56
CA HIS A 57 -5.07 15.03 0.42
C HIS A 57 -4.76 15.72 -0.90
N GLN A 58 -5.00 17.03 -0.98
CA GLN A 58 -4.74 17.76 -2.22
C GLN A 58 -3.26 18.07 -2.39
N GLN A 59 -2.51 18.25 -1.30
CA GLN A 59 -1.07 18.40 -1.42
C GLN A 59 -0.44 17.12 -1.94
N ILE A 60 -0.96 15.97 -1.53
CA ILE A 60 -0.43 14.70 -2.03
C ILE A 60 -0.88 14.44 -3.46
N ALA A 61 -2.14 14.78 -3.77
CA ALA A 61 -2.66 14.57 -5.12
C ALA A 61 -1.91 15.42 -6.13
N SER A 62 -1.55 16.65 -5.76
CA SER A 62 -0.83 17.52 -6.67
C SER A 62 0.58 17.01 -6.93
N ALA A 63 1.24 16.48 -5.89
CA ALA A 63 2.60 15.98 -6.06
C ALA A 63 2.61 14.71 -6.92
N ILE A 64 1.62 13.84 -6.75
CA ILE A 64 1.53 12.65 -7.59
C ILE A 64 1.15 13.02 -9.01
N LYS A 65 0.27 14.02 -9.16
CA LYS A 65 -0.10 14.49 -10.50
C LYS A 65 1.11 15.04 -11.25
N ALA A 66 2.05 15.65 -10.53
CA ALA A 66 3.26 16.14 -11.18
C ALA A 66 4.14 15.00 -11.68
N VAL A 67 4.18 13.90 -10.93
CA VAL A 67 4.90 12.72 -11.38
C VAL A 67 4.23 12.14 -12.62
N VAL A 68 2.89 12.07 -12.62
CA VAL A 68 2.16 11.57 -13.78
C VAL A 68 2.35 12.51 -14.97
N ASP A 69 2.36 13.82 -14.72
CA ASP A 69 2.59 14.78 -15.80
C ASP A 69 4.01 14.69 -16.34
N ALA A 70 4.95 14.23 -15.51
CA ALA A 70 6.34 14.06 -15.93
C ALA A 70 6.56 12.78 -16.72
N GLY A 71 5.50 12.06 -17.06
CA GLY A 71 5.60 10.87 -17.88
C GLY A 71 5.68 9.55 -17.14
N VAL A 72 5.49 9.55 -15.83
CA VAL A 72 5.58 8.33 -15.02
C VAL A 72 4.17 7.95 -14.60
N PRO A 73 3.58 6.90 -15.16
CA PRO A 73 2.24 6.48 -14.73
C PRO A 73 2.26 5.92 -13.31
N CYS A 74 1.24 6.29 -12.53
CA CYS A 74 1.14 5.88 -11.14
C CYS A 74 -0.11 5.04 -10.94
N TYR A 75 0.03 3.95 -10.19
CA TYR A 75 -1.07 3.03 -9.93
C TYR A 75 -1.25 2.86 -8.43
N PHE A 76 -2.49 2.58 -8.02
CA PHE A 76 -2.82 2.46 -6.61
C PHE A 76 -3.66 1.22 -6.39
N ILE A 77 -3.27 0.41 -5.40
CA ILE A 77 -4.08 -0.67 -4.88
C ILE A 77 -4.50 -0.28 -3.47
N HIS A 78 -5.75 -0.53 -3.13
CA HIS A 78 -6.26 -0.12 -1.82
C HIS A 78 -5.62 -0.94 -0.71
N GLY A 79 -5.36 -0.26 0.42
CA GLY A 79 -4.92 -0.92 1.63
C GLY A 79 -6.05 -1.08 2.62
N ASN A 80 -5.69 -1.57 3.80
CA ASN A 80 -6.68 -1.73 4.87
C ASN A 80 -7.05 -0.41 5.52
N ARG A 81 -6.22 0.61 5.38
CA ARG A 81 -6.49 1.93 5.97
C ARG A 81 -7.25 2.84 5.02
N ASP A 82 -6.90 2.81 3.73
CA ASP A 82 -7.44 3.75 2.75
C ASP A 82 -8.19 3.03 1.63
N PHE A 83 -9.04 2.07 2.00
CA PHE A 83 -9.85 1.36 1.00
C PHE A 83 -10.97 2.23 0.44
N LEU A 84 -11.23 3.40 1.03
CA LEU A 84 -12.27 4.29 0.54
C LEU A 84 -11.78 5.29 -0.49
N VAL A 85 -10.50 5.23 -0.86
CA VAL A 85 -9.99 6.09 -1.93
C VAL A 85 -10.70 5.73 -3.22
N GLY A 86 -11.36 6.72 -3.84
CA GLY A 86 -12.19 6.45 -4.99
C GLY A 86 -11.76 7.12 -6.28
N GLN A 87 -12.68 7.20 -7.23
CA GLN A 87 -12.33 7.72 -8.56
C GLN A 87 -12.08 9.22 -8.55
N ARG A 88 -12.70 9.95 -7.61
CA ARG A 88 -12.50 11.39 -7.58
C ARG A 88 -11.07 11.74 -7.20
N PHE A 89 -10.50 11.06 -6.20
CA PHE A 89 -9.10 11.28 -5.86
C PHE A 89 -8.17 10.76 -6.94
N ALA A 90 -8.59 9.72 -7.66
CA ALA A 90 -7.78 9.20 -8.77
C ALA A 90 -7.61 10.25 -9.85
N ARG A 91 -8.66 11.03 -10.11
CA ARG A 91 -8.55 12.09 -11.12
C ARG A 91 -7.73 13.26 -10.60
N GLN A 92 -7.89 13.60 -9.33
CA GLN A 92 -7.13 14.71 -8.75
C GLN A 92 -5.63 14.42 -8.76
N SER A 93 -5.25 13.16 -8.54
CA SER A 93 -3.86 12.77 -8.48
C SER A 93 -3.34 12.17 -9.79
N GLY A 94 -4.22 11.85 -10.72
CA GLY A 94 -3.83 11.19 -11.95
C GLY A 94 -3.51 9.71 -11.81
N MET A 95 -3.71 9.14 -10.62
CA MET A 95 -3.41 7.74 -10.41
C MET A 95 -4.47 6.85 -11.04
N ILE A 96 -4.07 5.62 -11.38
CA ILE A 96 -4.97 4.59 -11.86
C ILE A 96 -5.20 3.61 -10.72
N LEU A 97 -6.47 3.42 -10.35
CA LEU A 97 -6.78 2.49 -9.28
C LEU A 97 -6.86 1.07 -9.82
N LEU A 98 -6.23 0.14 -9.13
CA LEU A 98 -6.18 -1.26 -9.52
C LEU A 98 -6.99 -2.11 -8.55
N ALA A 99 -7.14 -3.38 -8.90
CA ALA A 99 -7.92 -4.30 -8.09
C ALA A 99 -7.10 -4.74 -6.87
N GLU A 100 -7.74 -5.52 -5.99
CA GLU A 100 -7.04 -6.01 -4.80
C GLU A 100 -5.86 -6.90 -5.16
N GLU A 101 -5.92 -7.56 -6.31
CA GLU A 101 -4.82 -8.37 -6.81
C GLU A 101 -4.64 -8.12 -8.29
N GLU A 102 -3.41 -7.82 -8.70
CA GLU A 102 -3.09 -7.59 -10.10
C GLU A 102 -1.85 -8.40 -10.46
N ARG A 103 -1.77 -8.79 -11.73
CA ARG A 103 -0.65 -9.56 -12.26
C ARG A 103 0.01 -8.74 -13.36
N LEU A 104 1.28 -8.40 -13.16
CA LEU A 104 1.99 -7.50 -14.05
C LEU A 104 3.01 -8.26 -14.88
N ASP A 105 3.21 -7.78 -16.12
CA ASP A 105 4.28 -8.23 -16.99
C ASP A 105 5.43 -7.22 -16.85
N LEU A 106 6.39 -7.53 -15.99
CA LEU A 106 7.50 -6.63 -15.69
C LEU A 106 8.75 -7.17 -16.38
N TYR A 107 8.98 -6.70 -17.61
CA TYR A 107 10.19 -7.04 -18.38
C TYR A 107 10.33 -8.53 -18.59
N GLY A 108 9.21 -9.24 -18.69
CA GLY A 108 9.24 -10.68 -18.90
C GLY A 108 8.72 -11.47 -17.71
N ARG A 109 9.21 -11.16 -16.51
CA ARG A 109 8.75 -11.86 -15.33
C ARG A 109 7.33 -11.44 -14.98
N GLU A 110 6.51 -12.40 -14.59
CA GLU A 110 5.13 -12.14 -14.18
C GLU A 110 5.09 -12.00 -12.66
N VAL A 111 4.61 -10.84 -12.19
CA VAL A 111 4.62 -10.51 -10.78
C VAL A 111 3.19 -10.25 -10.33
N LEU A 112 2.79 -10.87 -9.23
CA LEU A 112 1.51 -10.60 -8.59
C LEU A 112 1.71 -9.53 -7.54
N ILE A 113 0.86 -8.49 -7.57
CA ILE A 113 0.93 -7.40 -6.62
C ILE A 113 -0.37 -7.30 -5.84
N MET A 114 -0.25 -6.99 -4.56
N MET A 114 -0.25 -6.98 -4.56
CA MET A 114 -1.39 -6.82 -3.68
CA MET A 114 -1.39 -6.82 -3.68
C MET A 114 -0.94 -6.06 -2.45
C MET A 114 -0.94 -6.08 -2.44
N HIS A 115 -1.89 -5.70 -1.59
CA HIS A 115 -1.54 -5.02 -0.36
C HIS A 115 -0.95 -5.98 0.67
N GLY A 116 -1.51 -7.19 0.76
CA GLY A 116 -1.01 -8.21 1.65
C GLY A 116 -1.90 -8.52 2.83
N ASP A 117 -2.88 -7.66 3.13
CA ASP A 117 -3.74 -7.89 4.28
C ASP A 117 -4.62 -9.12 4.09
N THR A 118 -5.01 -9.43 2.85
CA THR A 118 -5.81 -10.61 2.60
C THR A 118 -5.02 -11.90 2.70
N LEU A 119 -3.72 -11.83 3.00
CA LEU A 119 -2.90 -13.02 3.25
C LEU A 119 -2.87 -13.42 4.71
N CYS A 120 -3.38 -12.58 5.61
CA CYS A 120 -3.38 -12.88 7.04
C CYS A 120 -4.71 -13.55 7.41
N THR A 121 -4.87 -14.78 6.91
CA THR A 121 -6.10 -15.53 7.13
C THR A 121 -6.23 -16.10 8.53
N ASP A 122 -5.18 -16.02 9.36
CA ASP A 122 -5.26 -16.48 10.73
C ASP A 122 -5.93 -15.47 11.66
N ASP A 123 -5.95 -14.20 11.27
CA ASP A 123 -6.56 -13.14 12.07
C ASP A 123 -8.05 -13.11 11.76
N GLN A 124 -8.84 -13.82 12.58
CA GLN A 124 -10.28 -13.84 12.37
C GLN A 124 -10.91 -12.51 12.74
N GLY A 125 -10.32 -11.80 13.71
CA GLY A 125 -10.87 -10.50 14.09
C GLY A 125 -10.79 -9.50 12.95
N TYR A 126 -9.64 -9.38 12.30
CA TYR A 126 -9.50 -8.45 11.19
C TYR A 126 -10.31 -8.88 9.99
N LEU A 127 -10.35 -10.20 9.72
CA LEU A 127 -11.07 -10.68 8.54
C LEU A 127 -12.56 -10.38 8.63
N ALA A 128 -13.13 -10.43 9.82
CA ALA A 128 -14.53 -10.04 10.00
C ALA A 128 -14.71 -8.54 9.82
N PHE A 129 -13.79 -7.75 10.40
CA PHE A 129 -13.84 -6.30 10.21
C PHE A 129 -13.67 -5.94 8.74
N ARG A 130 -12.75 -6.61 8.04
CA ARG A 130 -12.51 -6.30 6.63
C ARG A 130 -13.71 -6.65 5.78
N ALA A 131 -14.34 -7.81 6.03
CA ALA A 131 -15.52 -8.19 5.26
C ALA A 131 -16.67 -7.22 5.48
N LYS A 132 -16.76 -6.63 6.67
CA LYS A 132 -17.84 -5.67 6.94
C LYS A 132 -17.62 -4.36 6.20
N VAL A 133 -16.47 -3.72 6.42
CA VAL A 133 -16.21 -2.42 5.83
C VAL A 133 -15.97 -2.47 4.33
N HIS A 134 -15.82 -3.67 3.75
CA HIS A 134 -15.68 -3.82 2.31
C HIS A 134 -17.00 -4.18 1.63
N THR A 135 -18.04 -4.46 2.40
CA THR A 135 -19.35 -4.72 1.80
C THR A 135 -19.87 -3.44 1.15
N PRO A 136 -20.26 -3.50 -0.12
CA PRO A 136 -20.62 -2.24 -0.82
C PRO A 136 -21.71 -1.43 -0.14
N TRP A 137 -22.81 -2.05 0.28
CA TRP A 137 -23.91 -1.28 0.84
C TRP A 137 -23.53 -0.67 2.18
N ILE A 138 -22.62 -1.31 2.92
CA ILE A 138 -22.09 -0.67 4.12
C ILE A 138 -21.22 0.52 3.76
N GLN A 139 -20.51 0.46 2.64
CA GLN A 139 -19.65 1.57 2.23
C GLN A 139 -20.48 2.76 1.78
N ARG A 140 -21.47 2.54 0.91
CA ARG A 140 -22.24 3.65 0.37
C ARG A 140 -23.15 4.27 1.41
N LEU A 141 -23.47 3.53 2.48
CA LEU A 141 -24.18 4.11 3.61
C LEU A 141 -23.27 5.01 4.43
N PHE A 142 -22.04 4.56 4.69
CA PHE A 142 -21.07 5.40 5.40
C PHE A 142 -20.77 6.66 4.62
N LEU A 143 -20.57 6.54 3.30
CA LEU A 143 -20.22 7.68 2.46
C LEU A 143 -21.36 8.68 2.32
N ALA A 144 -22.61 8.25 2.51
CA ALA A 144 -23.74 9.15 2.40
C ALA A 144 -23.92 10.02 3.63
N LEU A 145 -23.31 9.64 4.76
CA LEU A 145 -23.44 10.41 5.98
C LEU A 145 -22.72 11.75 5.85
N PRO A 146 -23.10 12.74 6.67
CA PRO A 146 -22.34 13.99 6.71
C PRO A 146 -20.88 13.73 7.08
N LEU A 147 -20.00 14.57 6.55
CA LEU A 147 -18.57 14.34 6.73
C LEU A 147 -18.18 14.37 8.21
N PHE A 148 -18.79 15.27 8.99
CA PHE A 148 -18.46 15.34 10.41
C PHE A 148 -18.95 14.11 11.17
N ILE A 149 -19.99 13.46 10.66
CA ILE A 149 -20.42 12.19 11.26
C ILE A 149 -19.40 11.09 10.94
N ARG A 150 -18.95 11.04 9.69
CA ARG A 150 -17.93 10.07 9.31
C ARG A 150 -16.65 10.26 10.11
N HIS A 151 -16.30 11.50 10.45
CA HIS A 151 -15.12 11.76 11.26
C HIS A 151 -15.28 11.17 12.66
N ARG A 152 -16.44 11.38 13.28
CA ARG A 152 -16.68 10.84 14.61
C ARG A 152 -16.77 9.32 14.60
N ILE A 153 -17.31 8.74 13.52
CA ILE A 153 -17.33 7.28 13.41
C ILE A 153 -15.92 6.73 13.28
N ALA A 154 -15.14 7.30 12.36
CA ALA A 154 -13.78 6.80 12.13
C ALA A 154 -12.90 6.99 13.36
N ALA A 155 -13.09 8.09 14.09
CA ALA A 155 -12.27 8.33 15.27
C ALA A 155 -12.54 7.30 16.36
N ARG A 156 -13.80 6.92 16.54
CA ARG A 156 -14.14 5.93 17.57
C ARG A 156 -13.70 4.53 17.13
N MET A 157 -13.83 4.22 15.84
CA MET A 157 -13.41 2.90 15.36
C MET A 157 -11.90 2.73 15.45
N ARG A 158 -11.14 3.81 15.29
CA ARG A 158 -9.70 3.72 15.50
C ARG A 158 -9.36 3.50 16.97
N ALA A 159 -10.05 4.20 17.87
CA ALA A 159 -9.83 4.00 19.29
C ALA A 159 -10.29 2.61 19.73
N ASP A 160 -11.38 2.11 19.13
CA ASP A 160 -11.85 0.77 19.44
C ASP A 160 -10.84 -0.28 19.02
N SER A 161 -10.33 -0.17 17.80
CA SER A 161 -9.41 -1.18 17.29
C SER A 161 -8.03 -1.08 17.93
N LYS A 162 -7.65 0.12 18.38
CA LYS A 162 -6.36 0.27 19.04
C LYS A 162 -6.35 -0.41 20.40
N ALA A 163 -7.49 -0.42 21.10
CA ALA A 163 -7.60 -1.12 22.38
C ALA A 163 -7.92 -2.59 22.22
N ALA A 164 -8.55 -2.99 21.12
CA ALA A 164 -8.84 -4.40 20.89
C ALA A 164 -7.61 -5.15 20.39
N ASN A 165 -6.84 -4.53 19.50
CA ASN A 165 -5.61 -5.14 19.01
C ASN A 165 -4.52 -5.21 20.08
N SER A 166 -4.70 -4.52 21.20
CA SER A 166 -3.73 -4.59 22.30
C SER A 166 -3.75 -5.94 23.00
N SER A 167 -4.72 -6.79 22.71
CA SER A 167 -4.78 -8.13 23.31
C SER A 167 -4.77 -9.19 22.22
N LYS A 168 -3.85 -9.05 21.25
CA LYS A 168 -3.72 -9.99 20.15
C LYS A 168 -2.28 -10.44 20.02
N SER A 169 -2.10 -11.72 19.71
CA SER A 169 -0.77 -12.30 19.53
C SER A 169 -0.31 -12.12 18.10
N MET A 170 0.99 -11.85 17.93
CA MET A 170 1.56 -11.59 16.61
C MET A 170 1.71 -12.86 15.78
N GLU A 171 1.32 -14.03 16.30
CA GLU A 171 1.42 -15.25 15.52
C GLU A 171 0.23 -15.42 14.58
N ILE A 172 -0.93 -14.88 14.95
CA ILE A 172 -2.10 -14.89 14.08
C ILE A 172 -2.21 -13.59 13.28
N MET A 173 -1.19 -12.73 13.32
CA MET A 173 -1.23 -11.44 12.66
C MET A 173 -0.19 -11.29 11.56
N ASP A 174 0.45 -12.39 11.15
CA ASP A 174 1.40 -12.38 10.04
C ASP A 174 0.75 -13.04 8.83
N VAL A 175 1.55 -13.25 7.78
CA VAL A 175 1.07 -13.87 6.56
C VAL A 175 0.91 -15.37 6.77
N ASN A 176 -0.16 -15.93 6.23
CA ASN A 176 -0.33 -17.38 6.22
C ASN A 176 0.44 -17.97 5.05
N PRO A 177 1.34 -18.94 5.28
CA PRO A 177 2.13 -19.47 4.16
C PRO A 177 1.30 -20.16 3.09
N GLN A 178 0.23 -20.86 3.48
CA GLN A 178 -0.61 -21.54 2.50
C GLN A 178 -1.36 -20.54 1.62
N ALA A 179 -1.71 -19.38 2.17
CA ALA A 179 -2.41 -18.37 1.38
C ALA A 179 -1.50 -17.80 0.29
N VAL A 180 -0.20 -17.71 0.55
CA VAL A 180 0.73 -17.21 -0.46
C VAL A 180 0.79 -18.17 -1.64
N VAL A 181 0.97 -19.46 -1.37
CA VAL A 181 1.07 -20.46 -2.44
C VAL A 181 -0.22 -20.49 -3.24
N ASP A 182 -1.36 -20.40 -2.56
CA ASP A 182 -2.64 -20.41 -3.27
C ASP A 182 -2.77 -19.20 -4.18
N ALA A 183 -2.35 -18.03 -3.72
CA ALA A 183 -2.44 -16.83 -4.55
C ALA A 183 -1.45 -16.88 -5.71
N MET A 184 -0.21 -17.30 -5.44
CA MET A 184 0.80 -17.35 -6.49
C MET A 184 0.54 -18.45 -7.50
N GLU A 185 -0.22 -19.49 -7.13
CA GLU A 185 -0.61 -20.52 -8.08
C GLU A 185 -1.93 -20.21 -8.76
N ARG A 186 -2.80 -19.44 -8.11
CA ARG A 186 -4.01 -18.98 -8.78
C ARG A 186 -3.68 -18.10 -9.98
N HIS A 187 -2.64 -17.28 -9.86
CA HIS A 187 -2.21 -16.40 -10.93
C HIS A 187 -1.02 -16.94 -11.71
N HIS A 188 -0.45 -18.06 -11.29
CA HIS A 188 0.67 -18.71 -11.99
C HIS A 188 1.87 -17.76 -12.10
N VAL A 189 2.38 -17.35 -10.95
CA VAL A 189 3.53 -16.45 -10.87
C VAL A 189 4.55 -17.03 -9.91
N GLN A 190 5.82 -16.69 -10.16
CA GLN A 190 6.91 -17.00 -9.25
C GLN A 190 7.37 -15.80 -8.45
N TRP A 191 6.69 -14.67 -8.60
CA TRP A 191 7.04 -13.44 -7.90
C TRP A 191 5.79 -12.79 -7.32
N LEU A 192 5.93 -12.28 -6.09
CA LEU A 192 4.84 -11.63 -5.39
C LEU A 192 5.39 -10.47 -4.58
N ILE A 193 4.78 -9.31 -4.71
CA ILE A 193 5.15 -8.11 -3.98
C ILE A 193 3.94 -7.61 -3.20
N HIS A 194 4.14 -7.32 -1.93
CA HIS A 194 3.06 -6.81 -1.08
C HIS A 194 3.67 -6.07 0.09
N GLY A 195 2.80 -5.47 0.90
CA GLY A 195 3.23 -4.76 2.10
C GLY A 195 2.45 -5.17 3.32
N HIS A 196 1.80 -4.19 3.97
CA HIS A 196 0.90 -4.41 5.10
C HIS A 196 1.62 -4.89 6.36
N THR A 197 2.45 -5.92 6.24
CA THR A 197 3.07 -6.53 7.42
C THR A 197 4.22 -5.73 8.00
N HIS A 198 4.74 -4.74 7.27
CA HIS A 198 5.80 -3.85 7.76
C HIS A 198 7.09 -4.62 8.09
N ARG A 199 7.35 -5.72 7.37
CA ARG A 199 8.54 -6.53 7.56
C ARG A 199 9.24 -6.71 6.22
N PRO A 200 10.06 -5.75 5.82
CA PRO A 200 10.73 -5.86 4.51
C PRO A 200 11.63 -7.08 4.46
N ALA A 201 11.37 -7.95 3.49
CA ALA A 201 12.08 -9.22 3.38
C ALA A 201 11.85 -9.80 2.00
N VAL A 202 12.67 -10.79 1.66
CA VAL A 202 12.53 -11.59 0.44
C VAL A 202 12.44 -13.04 0.87
N HIS A 203 11.26 -13.63 0.75
CA HIS A 203 11.03 -15.01 1.16
C HIS A 203 11.04 -15.91 -0.06
N GLU A 204 11.73 -17.05 0.05
CA GLU A 204 11.74 -18.06 -1.00
C GLU A 204 10.78 -19.19 -0.62
N LEU A 205 10.03 -19.66 -1.61
CA LEU A 205 9.04 -20.71 -1.40
C LEU A 205 8.94 -21.53 -2.67
N GLN A 206 7.95 -22.41 -2.73
CA GLN A 206 7.70 -23.25 -3.89
C GLN A 206 6.27 -23.01 -4.38
N ALA A 207 6.14 -22.70 -5.67
CA ALA A 207 4.84 -22.48 -6.28
C ALA A 207 4.91 -22.93 -7.74
N ASN A 208 3.87 -23.63 -8.17
CA ASN A 208 3.79 -24.18 -9.52
C ASN A 208 4.95 -25.14 -9.82
N GLY A 209 5.42 -25.84 -8.80
CA GLY A 209 6.51 -26.78 -8.96
C GLY A 209 7.86 -26.15 -9.18
N GLN A 210 7.98 -24.84 -9.08
N GLN A 210 7.97 -24.83 -9.10
CA GLN A 210 9.21 -24.12 -9.29
CA GLN A 210 9.19 -24.09 -9.30
C GLN A 210 9.46 -23.17 -8.11
C GLN A 210 9.47 -23.21 -8.09
N PRO A 211 10.71 -22.74 -7.91
CA PRO A 211 10.98 -21.79 -6.84
C PRO A 211 10.24 -20.47 -7.07
N ALA A 212 9.72 -19.91 -5.97
CA ALA A 212 8.98 -18.66 -6.01
C ALA A 212 9.51 -17.75 -4.91
N TRP A 213 9.26 -16.45 -5.06
CA TRP A 213 9.75 -15.46 -4.12
C TRP A 213 8.65 -14.46 -3.77
N ARG A 214 8.56 -14.15 -2.48
CA ARG A 214 7.60 -13.17 -1.96
C ARG A 214 8.38 -11.99 -1.42
N VAL A 215 8.23 -10.84 -2.08
CA VAL A 215 8.93 -9.62 -1.69
C VAL A 215 7.98 -8.76 -0.87
N VAL A 216 8.41 -8.39 0.33
CA VAL A 216 7.58 -7.64 1.26
C VAL A 216 8.16 -6.23 1.40
N LEU A 217 7.30 -5.23 1.28
CA LEU A 217 7.71 -3.84 1.42
C LEU A 217 7.78 -3.45 2.89
N GLY A 218 8.52 -2.38 3.16
CA GLY A 218 8.63 -1.83 4.50
C GLY A 218 7.81 -0.57 4.65
N ALA A 219 7.36 -0.33 5.89
CA ALA A 219 6.60 0.88 6.18
C ALA A 219 7.55 2.07 6.31
N TRP A 220 7.01 3.26 6.00
CA TRP A 220 7.79 4.50 6.05
C TRP A 220 7.74 5.04 7.47
N HIS A 221 8.66 4.57 8.31
CA HIS A 221 8.76 5.04 9.68
C HIS A 221 9.88 6.06 9.81
N SER A 222 11.06 5.60 10.26
CA SER A 222 12.21 6.50 10.36
C SER A 222 12.78 6.83 9.00
N GLU A 223 12.72 5.89 8.05
CA GLU A 223 13.29 6.08 6.73
C GLU A 223 12.36 5.47 5.69
N GLY A 224 12.69 5.65 4.42
CA GLY A 224 11.86 5.18 3.35
C GLY A 224 12.21 3.76 2.90
N SER A 225 11.26 3.15 2.20
CA SER A 225 11.41 1.80 1.69
C SER A 225 10.75 1.70 0.32
N MET A 226 11.35 0.91 -0.57
CA MET A 226 10.79 0.71 -1.89
C MET A 226 11.36 -0.56 -2.50
N VAL A 227 10.60 -1.13 -3.43
CA VAL A 227 11.04 -2.28 -4.22
C VAL A 227 11.28 -1.80 -5.65
N LYS A 228 12.46 -2.08 -6.17
CA LYS A 228 12.88 -1.64 -7.49
C LYS A 228 13.05 -2.87 -8.38
N VAL A 229 12.21 -2.99 -9.40
CA VAL A 229 12.23 -4.11 -10.32
C VAL A 229 12.83 -3.66 -11.64
N THR A 230 13.96 -4.25 -12.01
CA THR A 230 14.64 -3.96 -13.27
C THR A 230 14.62 -5.22 -14.15
N PRO A 231 14.95 -5.12 -15.44
CA PRO A 231 15.06 -6.35 -16.25
C PRO A 231 16.10 -7.33 -15.73
N ASP A 232 17.04 -6.88 -14.89
CA ASP A 232 18.12 -7.74 -14.42
C ASP A 232 17.90 -8.30 -13.03
N ASP A 233 17.23 -7.57 -12.13
CA ASP A 233 17.15 -7.99 -10.74
C ASP A 233 15.89 -7.43 -10.09
N VAL A 234 15.66 -7.84 -8.84
CA VAL A 234 14.66 -7.25 -7.96
C VAL A 234 15.38 -6.71 -6.74
N GLU A 235 15.11 -5.46 -6.39
CA GLU A 235 15.86 -4.76 -5.34
C GLU A 235 14.91 -4.28 -4.25
N LEU A 236 15.26 -4.59 -3.00
CA LEU A 236 14.59 -4.04 -1.83
C LEU A 236 15.50 -2.98 -1.23
N ILE A 237 15.01 -1.74 -1.20
CA ILE A 237 15.86 -0.57 -0.98
C ILE A 237 15.38 0.21 0.24
N HIS A 238 16.30 0.55 1.13
N HIS A 238 16.31 0.55 1.12
CA HIS A 238 16.02 1.42 2.27
CA HIS A 238 16.08 1.40 2.28
C HIS A 238 16.83 2.69 2.13
C HIS A 238 16.84 2.70 2.06
N PHE A 239 16.16 3.83 2.28
CA PHE A 239 16.77 5.13 2.03
C PHE A 239 16.22 6.15 3.01
N PRO A 240 16.98 7.20 3.33
CA PRO A 240 16.46 8.25 4.20
C PRO A 240 15.48 9.14 3.47
N PHE A 241 14.71 9.90 4.25
CA PHE A 241 13.73 10.82 3.69
C PHE A 241 14.40 11.95 2.92
N LEU A 242 15.29 12.68 3.59
CA LEU A 242 15.99 13.79 2.95
C LEU A 242 17.51 13.60 3.04
N LEU A 246 25.11 15.54 4.59
CA LEU A 246 26.49 15.11 4.85
C LEU A 246 27.33 16.24 5.39
N TYR A 247 27.88 16.05 6.59
CA TYR A 247 28.80 16.99 7.18
C TYR A 247 29.86 16.21 7.96
N PHE A 248 30.88 16.93 8.43
CA PHE A 248 32.07 16.29 8.98
C PHE A 248 32.35 16.82 10.38
N GLN A 249 33.11 16.03 11.14
CA GLN A 249 33.46 16.36 12.52
C GLN A 249 34.95 16.17 12.77
#